data_9BOO
#
_entry.id   9BOO
#
_cell.length_a   105.153
_cell.length_b   57.400
_cell.length_c   49.004
_cell.angle_alpha   90.00
_cell.angle_beta   113.00
_cell.angle_gamma   90.00
#
_symmetry.space_group_name_H-M   'C 1 2 1'
#
loop_
_entity.id
_entity.type
_entity.pdbx_description
1 polymer '3C-like proteinase nsp5'
2 non-polymer N-(methoxycarbonyl)-3-methyl-L-valyl-(4R)-N-{(1Z,2S)-1-imino-3-[(3S)-2-oxopyrrolidin-3-yl]propan-2-yl}-4-(trifluoromethyl)-L-prolinamide
3 water water
#
_entity_poly.entity_id   1
_entity_poly.type   'polypeptide(L)'
_entity_poly.pdbx_seq_one_letter_code
;SGLVKMSHPSGDVEACMVQVTCGSMTLNGLWLDNTVWCPRHVMCPADQLSDPNYDALLISMTNHSFSVQKHIGAPANLRV
VGHAMQGTLLKLTVDVANPSTPAYTFTTVKPGAAFSVLACYNGRPTGTFTVVMRPNYTIKGSFLCGSCGSVGYTKEGSVI
NFCYMHQMELANGTHTGSAFDGTMYGAFMDKQVHQVQLTDKYCSVNVVAWLYAAILNGCAWFVKPNRTSVVSFNEWALAN
QFTEFVGTQSVDMLAVKTGVAIEQLLYAIQQLYTGFQGKQILGSTMLEDEFTPEDVNMQIMGVVMQ
;
_entity_poly.pdbx_strand_id   A
#
# COMPACT_ATOMS: atom_id res chain seq x y z
N SER A 1 -17.33 -17.88 7.07
CA SER A 1 -17.76 -16.82 6.12
C SER A 1 -17.58 -15.40 6.65
N GLY A 2 -17.85 -14.44 5.80
CA GLY A 2 -17.65 -13.03 6.11
C GLY A 2 -16.45 -12.47 5.36
N LEU A 3 -16.55 -11.20 4.96
CA LEU A 3 -15.49 -10.51 4.25
C LEU A 3 -15.19 -9.20 4.96
N VAL A 4 -13.95 -9.05 5.45
CA VAL A 4 -13.55 -7.88 6.20
C VAL A 4 -12.24 -7.34 5.65
N LYS A 5 -11.91 -6.12 6.05
CA LYS A 5 -10.60 -5.52 5.77
C LYS A 5 -9.56 -6.19 6.66
N MET A 6 -8.77 -7.06 6.09
CA MET A 6 -7.84 -7.91 6.82
C MET A 6 -6.40 -7.56 6.50
N SER A 7 -5.55 -7.54 7.51
CA SER A 7 -4.13 -7.30 7.37
C SER A 7 -3.36 -8.53 7.82
N HIS A 8 -2.11 -8.64 7.38
CA HIS A 8 -1.27 -9.73 7.85
C HIS A 8 -0.93 -9.53 9.33
N PRO A 9 -0.68 -10.62 10.06
CA PRO A 9 -0.08 -10.48 11.39
C PRO A 9 1.23 -9.71 11.26
N SER A 10 1.44 -8.77 12.18
CA SER A 10 2.54 -7.84 12.01
C SER A 10 3.80 -8.19 12.77
N GLY A 11 3.82 -9.27 13.55
CA GLY A 11 4.94 -9.50 14.46
C GLY A 11 6.27 -9.61 13.77
N ASP A 12 6.31 -10.27 12.61
CA ASP A 12 7.57 -10.47 11.92
C ASP A 12 8.17 -9.14 11.50
N VAL A 13 7.31 -8.18 11.12
CA VAL A 13 7.80 -6.87 10.68
C VAL A 13 8.08 -5.96 11.87
N GLU A 14 7.30 -6.10 12.95
CA GLU A 14 7.58 -5.34 14.17
C GLU A 14 9.02 -5.54 14.61
N ALA A 15 9.55 -6.76 14.47
CA ALA A 15 10.89 -7.10 14.90
C ALA A 15 11.94 -6.47 14.02
N CYS A 16 11.55 -5.77 12.96
CA CYS A 16 12.50 -5.14 12.06
C CYS A 16 12.46 -3.62 12.15
N MET A 17 11.58 -3.03 12.96
CA MET A 17 11.45 -1.58 13.04
C MET A 17 12.43 -0.97 14.02
N VAL A 18 13.04 0.15 13.59
CA VAL A 18 13.98 0.90 14.39
C VAL A 18 13.62 2.39 14.28
N GLN A 19 14.22 3.19 15.14
CA GLN A 19 14.16 4.65 15.05
C GLN A 19 15.48 5.13 14.44
N VAL A 20 15.37 6.05 13.49
CA VAL A 20 16.53 6.67 12.86
C VAL A 20 16.48 8.16 13.12
N THR A 21 17.59 8.71 13.63
CA THR A 21 17.69 10.13 13.93
C THR A 21 18.86 10.71 13.16
N CYS A 22 18.65 11.90 12.62
CA CYS A 22 19.74 12.66 11.97
C CYS A 22 19.54 14.10 12.42
N GLY A 23 20.37 14.54 13.36
CA GLY A 23 20.20 15.88 13.89
C GLY A 23 18.87 16.01 14.59
N SER A 24 18.16 17.10 14.29
CA SER A 24 16.88 17.36 14.92
C SER A 24 15.73 16.59 14.29
N MET A 25 16.00 15.72 13.32
CA MET A 25 14.97 15.00 12.60
C MET A 25 14.97 13.53 12.99
N THR A 26 13.79 12.97 13.17
CA THR A 26 13.66 11.57 13.56
C THR A 26 12.49 10.95 12.81
N LEU A 27 12.64 9.66 12.52
CA LEU A 27 11.58 8.88 11.85
C LEU A 27 11.92 7.40 12.04
N ASN A 28 11.21 6.55 11.32
CA ASN A 28 11.39 5.10 11.44
C ASN A 28 12.25 4.56 10.31
N GLY A 29 12.86 3.40 10.58
CA GLY A 29 13.58 2.66 9.58
C GLY A 29 13.32 1.17 9.68
N LEU A 30 13.73 0.46 8.64
CA LEU A 30 13.52 -0.97 8.52
C LEU A 30 14.88 -1.65 8.50
N TRP A 31 15.11 -2.56 9.46
CA TRP A 31 16.41 -3.20 9.68
C TRP A 31 16.34 -4.64 9.19
N LEU A 32 17.01 -4.92 8.08
CA LEU A 32 17.09 -6.25 7.51
C LEU A 32 18.56 -6.58 7.27
N ASP A 33 19.00 -7.73 7.75
CA ASP A 33 20.43 -8.11 7.65
C ASP A 33 21.24 -6.97 8.25
N ASN A 34 22.25 -6.45 7.56
CA ASN A 34 23.07 -5.35 8.06
C ASN A 34 22.68 -3.99 7.47
N THR A 35 21.47 -3.84 6.96
CA THR A 35 21.02 -2.63 6.33
C THR A 35 19.81 -2.05 7.05
N VAL A 36 19.79 -0.72 7.19
CA VAL A 36 18.64 0.01 7.69
C VAL A 36 18.21 0.97 6.59
N TRP A 37 16.98 0.82 6.14
CA TRP A 37 16.38 1.70 5.15
C TRP A 37 15.55 2.77 5.86
N CYS A 38 15.60 3.99 5.34
CA CYS A 38 14.74 5.05 5.86
C CYS A 38 14.61 6.15 4.82
N PRO A 39 13.61 7.02 4.96
CA PRO A 39 13.46 8.13 4.02
C PRO A 39 14.63 9.08 4.09
N ARG A 40 15.06 9.54 2.93
CA ARG A 40 16.22 10.45 2.90
C ARG A 40 15.89 11.83 3.50
N HIS A 41 14.62 12.21 3.60
CA HIS A 41 14.34 13.53 4.14
C HIS A 41 14.67 13.65 5.61
N VAL A 42 15.07 12.55 6.27
CA VAL A 42 15.57 12.67 7.63
C VAL A 42 16.82 13.55 7.68
N MET A 43 17.50 13.71 6.55
CA MET A 43 18.69 14.57 6.52
C MET A 43 18.36 16.04 6.32
N CYS A 44 17.11 16.40 6.06
CA CYS A 44 16.81 17.76 5.63
CA CYS A 44 16.76 17.75 5.63
C CYS A 44 16.34 18.59 6.81
N PRO A 45 16.92 19.76 7.03
CA PRO A 45 16.38 20.66 8.05
C PRO A 45 15.03 21.19 7.64
N ALA A 46 14.18 21.46 8.64
CA ALA A 46 12.82 21.92 8.36
C ALA A 46 12.82 23.13 7.44
N ASP A 47 13.77 24.05 7.61
CA ASP A 47 13.78 25.28 6.84
C ASP A 47 14.20 25.09 5.38
N GLN A 48 14.66 23.90 4.99
CA GLN A 48 15.03 23.62 3.62
C GLN A 48 14.12 22.61 2.95
N LEU A 49 13.05 22.16 3.62
CA LEU A 49 12.22 21.10 3.06
C LEU A 49 11.54 21.51 1.76
N SER A 50 11.36 22.80 1.52
CA SER A 50 10.70 23.25 0.30
C SER A 50 11.60 23.19 -0.92
N ASP A 51 12.93 23.18 -0.72
CA ASP A 51 13.88 23.09 -1.83
C ASP A 51 15.14 22.40 -1.35
N PRO A 52 15.08 21.09 -1.16
CA PRO A 52 16.26 20.37 -0.67
C PRO A 52 17.23 20.06 -1.79
N ASN A 53 18.52 20.03 -1.43
CA ASN A 53 19.56 19.50 -2.31
C ASN A 53 20.07 18.23 -1.61
N TYR A 54 19.47 17.10 -1.95
CA TYR A 54 19.79 15.86 -1.25
C TYR A 54 21.20 15.39 -1.52
N ASP A 55 21.73 15.66 -2.73
CA ASP A 55 23.11 15.29 -3.00
C ASP A 55 24.05 16.05 -2.08
N ALA A 56 23.78 17.33 -1.84
CA ALA A 56 24.63 18.12 -0.97
C ALA A 56 24.42 17.73 0.50
N LEU A 57 23.18 17.43 0.87
CA LEU A 57 22.95 16.99 2.24
C LEU A 57 23.74 15.72 2.53
N LEU A 58 23.73 14.77 1.59
CA LEU A 58 24.39 13.49 1.81
C LEU A 58 25.88 13.66 2.05
N ILE A 59 26.55 14.48 1.22
CA ILE A 59 28.00 14.65 1.37
C ILE A 59 28.35 15.39 2.65
N SER A 60 27.40 16.13 3.23
CA SER A 60 27.64 16.81 4.49
C SER A 60 27.54 15.88 5.69
N MET A 61 27.13 14.62 5.48
CA MET A 61 26.97 13.68 6.55
C MET A 61 28.16 12.74 6.65
N THR A 62 28.39 12.23 7.85
CA THR A 62 29.28 11.12 8.11
C THR A 62 28.44 9.97 8.65
N ASN A 63 29.06 8.82 8.89
CA ASN A 63 28.34 7.71 9.49
C ASN A 63 27.78 8.09 10.85
N HIS A 64 28.52 8.91 11.61
CA HIS A 64 28.11 9.31 12.95
C HIS A 64 26.98 10.31 12.95
N SER A 65 26.59 10.86 11.80
CA SER A 65 25.47 11.78 11.75
C SER A 65 24.14 11.09 11.99
N PHE A 66 24.11 9.76 11.89
CA PHE A 66 22.89 8.97 12.04
C PHE A 66 22.97 8.16 13.33
N SER A 67 21.85 8.10 14.04
CA SER A 67 21.71 7.29 15.23
C SER A 67 20.54 6.35 15.00
N VAL A 68 20.77 5.05 15.15
CA VAL A 68 19.77 4.02 14.93
C VAL A 68 19.55 3.29 16.24
N GLN A 69 18.32 3.30 16.74
CA GLN A 69 17.97 2.66 17.99
CA GLN A 69 17.98 2.65 18.00
C GLN A 69 16.78 1.74 17.79
N LYS A 70 16.85 0.54 18.35
CA LYS A 70 15.72 -0.39 18.40
C LYS A 70 15.16 -0.32 19.81
N HIS A 71 13.87 -0.04 19.92
CA HIS A 71 13.21 0.13 21.21
C HIS A 71 12.45 -1.12 21.63
N ILE A 72 11.62 -1.64 20.74
CA ILE A 72 10.74 -2.75 21.06
C ILE A 72 11.52 -4.06 21.01
N GLY A 73 10.97 -5.07 21.67
CA GLY A 73 11.64 -6.37 21.69
C GLY A 73 13.06 -6.26 22.17
N ALA A 74 13.96 -6.95 21.47
CA ALA A 74 15.39 -6.94 21.80
C ALA A 74 15.96 -5.54 21.60
N PRO A 75 16.17 -4.77 22.67
CA PRO A 75 16.65 -3.40 22.51
C PRO A 75 18.09 -3.38 22.05
N ALA A 76 18.49 -2.23 21.48
CA ALA A 76 19.85 -2.09 20.98
C ALA A 76 20.10 -0.74 20.32
N ASN A 77 21.35 -0.27 20.39
CA ASN A 77 21.83 0.85 19.60
C ASN A 77 22.79 0.29 18.55
N LEU A 78 22.49 0.54 17.28
CA LEU A 78 23.22 -0.03 16.16
C LEU A 78 24.16 1.01 15.60
N ARG A 79 25.42 0.65 15.46
CA ARG A 79 26.43 1.58 14.96
C ARG A 79 26.38 1.62 13.43
N VAL A 80 26.30 2.83 12.87
CA VAL A 80 26.28 2.99 11.43
C VAL A 80 27.72 2.97 10.92
N VAL A 81 28.02 2.04 10.00
CA VAL A 81 29.35 1.89 9.43
C VAL A 81 29.38 2.22 7.95
N GLY A 82 28.26 2.68 7.39
CA GLY A 82 28.20 3.07 5.99
C GLY A 82 26.89 3.78 5.71
N HIS A 83 26.89 4.69 4.75
CA HIS A 83 25.68 5.40 4.40
C HIS A 83 25.66 5.68 2.90
N ALA A 84 24.49 5.49 2.29
CA ALA A 84 24.32 5.69 0.86
C ALA A 84 22.88 6.10 0.59
N MET A 85 22.66 6.69 -0.57
CA MET A 85 21.35 7.13 -1.04
C MET A 85 20.98 6.32 -2.28
N GLN A 86 19.74 5.83 -2.30
CA GLN A 86 19.18 5.21 -3.50
C GLN A 86 17.80 5.84 -3.71
N GLY A 87 17.69 6.70 -4.71
CA GLY A 87 16.44 7.39 -4.93
C GLY A 87 16.07 8.23 -3.72
N THR A 88 14.84 8.03 -3.24
CA THR A 88 14.32 8.78 -2.11
C THR A 88 14.59 8.09 -0.78
N LEU A 89 15.45 7.08 -0.76
CA LEU A 89 15.73 6.35 0.46
C LEU A 89 17.21 6.43 0.79
N LEU A 90 17.51 6.31 2.08
CA LEU A 90 18.85 6.06 2.56
C LEU A 90 19.02 4.58 2.88
N LYS A 91 20.20 4.06 2.57
CA LYS A 91 20.63 2.72 2.95
CA LYS A 91 20.63 2.72 2.95
C LYS A 91 21.79 2.87 3.93
N LEU A 92 21.52 2.66 5.20
CA LEU A 92 22.55 2.74 6.24
C LEU A 92 23.02 1.32 6.55
N THR A 93 24.31 1.09 6.46
CA THR A 93 24.89 -0.18 6.86
C THR A 93 25.25 -0.12 8.33
N VAL A 94 24.80 -1.12 9.08
CA VAL A 94 25.04 -1.17 10.52
C VAL A 94 25.95 -2.36 10.84
N ASP A 95 26.55 -2.31 12.03
CA ASP A 95 27.55 -3.29 12.40
C ASP A 95 26.97 -4.61 12.89
N VAL A 96 25.66 -4.70 13.11
CA VAL A 96 25.02 -5.90 13.63
C VAL A 96 23.90 -6.29 12.69
N ALA A 97 23.89 -7.56 12.28
CA ALA A 97 22.80 -8.07 11.45
C ALA A 97 21.59 -8.37 12.31
N ASN A 98 20.42 -8.02 11.81
CA ASN A 98 19.18 -8.26 12.58
C ASN A 98 18.98 -9.76 12.73
N PRO A 99 19.05 -10.33 13.95
CA PRO A 99 18.87 -11.78 14.10
C PRO A 99 17.46 -12.24 13.80
N SER A 100 16.51 -11.32 13.64
CA SER A 100 15.12 -11.63 13.34
C SER A 100 14.75 -11.26 11.91
N THR A 101 15.72 -11.15 11.02
CA THR A 101 15.42 -10.85 9.63
C THR A 101 14.57 -11.97 9.04
N PRO A 102 13.38 -11.68 8.52
CA PRO A 102 12.58 -12.74 7.90
C PRO A 102 13.08 -13.04 6.50
N ALA A 103 12.55 -14.11 5.91
CA ALA A 103 12.72 -14.30 4.47
C ALA A 103 11.94 -13.18 3.79
N TYR A 104 12.58 -12.50 2.84
CA TYR A 104 11.92 -11.34 2.26
C TYR A 104 12.34 -11.12 0.81
N THR A 105 11.50 -10.35 0.11
CA THR A 105 11.81 -9.80 -1.19
C THR A 105 11.38 -8.35 -1.20
N PHE A 106 11.82 -7.62 -2.23
CA PHE A 106 11.35 -6.26 -2.49
C PHE A 106 10.53 -6.29 -3.78
N THR A 107 9.36 -5.67 -3.76
CA THR A 107 8.50 -5.63 -4.93
C THR A 107 7.83 -4.27 -5.05
N THR A 108 7.43 -3.92 -6.27
CA THR A 108 6.70 -2.69 -6.55
C THR A 108 5.28 -3.05 -6.92
N VAL A 109 4.32 -2.53 -6.16
CA VAL A 109 2.92 -2.87 -6.38
C VAL A 109 2.30 -1.95 -7.42
N LYS A 110 1.19 -2.41 -7.97
CA LYS A 110 0.45 -1.80 -9.05
C LYS A 110 -0.90 -1.31 -8.54
N PRO A 111 -1.52 -0.34 -9.21
CA PRO A 111 -2.85 0.10 -8.81
C PRO A 111 -3.81 -1.09 -8.70
N GLY A 112 -4.65 -1.06 -7.66
CA GLY A 112 -5.56 -2.15 -7.37
C GLY A 112 -5.02 -3.19 -6.43
N ALA A 113 -3.69 -3.28 -6.29
CA ALA A 113 -3.11 -4.24 -5.38
C ALA A 113 -3.19 -3.76 -3.94
N ALA A 114 -3.38 -4.70 -3.03
CA ALA A 114 -3.53 -4.41 -1.61
C ALA A 114 -2.28 -4.82 -0.85
N PHE A 115 -2.00 -4.10 0.22
CA PHE A 115 -0.90 -4.47 1.09
C PHE A 115 -1.17 -4.00 2.50
N SER A 116 -0.48 -4.64 3.46
CA SER A 116 -0.60 -4.30 4.87
C SER A 116 0.41 -3.23 5.21
N VAL A 117 0.01 -2.28 6.05
CA VAL A 117 0.88 -1.22 6.53
C VAL A 117 1.02 -1.37 8.04
N LEU A 118 2.26 -1.25 8.52
CA LEU A 118 2.54 -1.18 9.96
C LEU A 118 2.92 0.26 10.27
N ALA A 119 2.00 1.01 10.89
CA ALA A 119 2.25 2.40 11.24
C ALA A 119 3.05 2.46 12.54
N CYS A 120 4.14 3.25 12.52
CA CYS A 120 5.07 3.33 13.64
C CYS A 120 5.41 4.79 13.91
N TYR A 121 5.74 5.07 15.17
CA TYR A 121 6.18 6.38 15.62
C TYR A 121 7.35 6.17 16.58
N ASN A 122 8.45 6.88 16.33
CA ASN A 122 9.64 6.76 17.18
C ASN A 122 10.13 5.31 17.28
N GLY A 123 10.00 4.58 16.18
CA GLY A 123 10.47 3.22 16.13
C GLY A 123 9.55 2.23 16.79
N ARG A 124 8.36 2.66 17.22
CA ARG A 124 7.43 1.81 17.95
C ARG A 124 6.16 1.60 17.15
N PRO A 125 5.82 0.36 16.81
CA PRO A 125 4.56 0.13 16.08
C PRO A 125 3.35 0.53 16.90
N THR A 126 2.38 1.17 16.25
CA THR A 126 1.18 1.64 16.90
C THR A 126 -0.11 1.12 16.26
N GLY A 127 -0.09 0.72 15.00
CA GLY A 127 -1.29 0.22 14.36
C GLY A 127 -0.99 -0.47 13.07
N THR A 128 -1.93 -1.25 12.60
CA THR A 128 -1.79 -1.86 11.28
C THR A 128 -3.12 -1.78 10.55
N PHE A 129 -3.04 -1.62 9.24
CA PHE A 129 -4.21 -1.51 8.38
C PHE A 129 -3.81 -1.95 6.99
N THR A 130 -4.81 -2.18 6.14
CA THR A 130 -4.59 -2.54 4.76
C THR A 130 -5.07 -1.45 3.82
N VAL A 131 -4.27 -1.18 2.80
CA VAL A 131 -4.58 -0.16 1.81
C VAL A 131 -4.54 -0.80 0.44
N VAL A 132 -5.12 -0.10 -0.54
CA VAL A 132 -5.00 -0.44 -1.95
C VAL A 132 -4.25 0.69 -2.66
N MET A 133 -3.28 0.34 -3.48
CA MET A 133 -2.62 1.36 -4.30
C MET A 133 -3.65 1.91 -5.27
N ARG A 134 -3.94 3.20 -5.17
CA ARG A 134 -4.98 3.80 -5.98
C ARG A 134 -4.49 4.02 -7.42
N PRO A 135 -5.42 4.12 -8.37
CA PRO A 135 -5.04 4.38 -9.77
C PRO A 135 -4.26 5.65 -9.98
N ASN A 136 -4.32 6.61 -9.06
CA ASN A 136 -3.51 7.82 -9.13
C ASN A 136 -2.23 7.71 -8.30
N TYR A 137 -1.86 6.49 -7.90
CA TYR A 137 -0.58 6.22 -7.28
C TYR A 137 -0.44 6.92 -5.93
N THR A 138 -1.54 6.99 -5.20
CA THR A 138 -1.56 7.36 -3.80
C THR A 138 -2.17 6.21 -3.01
N ILE A 139 -2.06 6.31 -1.70
CA ILE A 139 -2.85 5.43 -0.82
C ILE A 139 -3.67 6.28 0.12
N LYS A 140 -4.78 5.70 0.59
CA LYS A 140 -5.67 6.34 1.56
CA LYS A 140 -5.67 6.34 1.56
C LYS A 140 -5.33 5.74 2.92
N GLY A 141 -4.38 6.35 3.60
CA GLY A 141 -3.92 5.84 4.88
C GLY A 141 -4.37 6.67 6.06
N SER A 142 -3.67 6.49 7.18
CA SER A 142 -3.93 7.22 8.41
C SER A 142 -2.55 7.39 9.04
N PHE A 143 -1.98 8.58 8.87
CA PHE A 143 -0.61 8.82 9.23
C PHE A 143 -0.47 10.23 9.80
N LEU A 144 0.29 10.37 10.87
CA LEU A 144 0.53 11.64 11.53
C LEU A 144 2.03 11.97 11.45
N CYS A 145 2.39 13.12 12.01
CA CYS A 145 3.80 13.48 12.08
C CYS A 145 4.59 12.37 12.75
N GLY A 146 5.75 12.07 12.19
CA GLY A 146 6.61 11.03 12.73
C GLY A 146 6.39 9.65 12.15
N SER A 147 5.41 9.48 11.27
CA SER A 147 5.08 8.17 10.73
C SER A 147 5.96 7.74 9.57
N CYS A 148 6.83 8.62 9.06
CA CYS A 148 7.62 8.21 7.91
C CYS A 148 8.59 7.09 8.27
N GLY A 149 8.82 6.23 7.28
CA GLY A 149 9.54 5.01 7.49
C GLY A 149 8.66 3.83 7.85
N SER A 150 7.39 4.06 8.20
CA SER A 150 6.42 2.98 8.32
C SER A 150 6.40 2.21 7.01
N VAL A 151 6.21 0.89 7.11
CA VAL A 151 6.37 0.03 5.96
C VAL A 151 5.08 -0.68 5.58
N GLY A 152 4.96 -0.92 4.28
CA GLY A 152 3.90 -1.72 3.70
C GLY A 152 4.49 -2.98 3.07
N TYR A 153 3.70 -4.06 3.10
CA TYR A 153 4.22 -5.35 2.68
CA TYR A 153 4.21 -5.35 2.66
C TYR A 153 3.07 -6.29 2.35
N THR A 154 3.39 -7.29 1.53
CA THR A 154 2.55 -8.45 1.28
C THR A 154 3.30 -9.66 1.82
N LYS A 155 2.60 -10.79 1.88
CA LYS A 155 3.22 -12.04 2.31
C LYS A 155 2.82 -13.17 1.37
N GLU A 156 3.82 -13.92 0.92
CA GLU A 156 3.62 -15.15 0.15
C GLU A 156 4.21 -16.26 1.01
N GLY A 157 3.36 -17.05 1.65
CA GLY A 157 3.85 -18.03 2.61
C GLY A 157 4.54 -17.31 3.76
N SER A 158 5.74 -17.77 4.09
CA SER A 158 6.54 -17.14 5.13
C SER A 158 7.34 -15.95 4.63
N VAL A 159 7.34 -15.69 3.33
CA VAL A 159 8.19 -14.65 2.74
C VAL A 159 7.44 -13.33 2.78
N ILE A 160 8.11 -12.28 3.26
CA ILE A 160 7.54 -10.94 3.31
C ILE A 160 8.05 -10.19 2.10
N ASN A 161 7.13 -9.61 1.32
CA ASN A 161 7.48 -8.79 0.16
C ASN A 161 7.24 -7.35 0.55
N PHE A 162 8.33 -6.65 0.89
CA PHE A 162 8.24 -5.24 1.23
C PHE A 162 8.01 -4.42 -0.02
N CYS A 163 7.04 -3.53 0.03
CA CYS A 163 6.67 -2.75 -1.15
C CYS A 163 6.48 -1.27 -0.91
N TYR A 164 6.57 -0.78 0.31
CA TYR A 164 6.23 0.61 0.58
C TYR A 164 6.95 1.08 1.83
N MET A 165 7.54 2.27 1.74
CA MET A 165 8.02 3.04 2.87
C MET A 165 7.37 4.42 2.85
N HIS A 166 6.69 4.76 3.93
CA HIS A 166 5.88 5.97 3.95
C HIS A 166 6.75 7.22 3.89
N GLN A 167 6.34 8.16 3.05
CA GLN A 167 7.10 9.39 2.86
C GLN A 167 6.34 10.70 3.13
N MET A 168 5.10 10.85 2.68
CA MET A 168 4.48 12.16 2.75
CA MET A 168 4.49 12.17 2.72
C MET A 168 2.96 12.07 2.61
N GLU A 169 2.30 13.17 2.97
CA GLU A 169 0.86 13.34 2.84
C GLU A 169 0.65 14.45 1.80
N LEU A 170 -0.09 14.12 0.74
CA LEU A 170 -0.27 15.02 -0.39
C LEU A 170 -1.53 15.86 -0.29
N ALA A 171 -2.48 15.43 0.53
CA ALA A 171 -3.78 16.04 0.70
C ALA A 171 -4.41 15.33 1.89
N ASN A 172 -5.57 15.80 2.35
CA ASN A 172 -6.24 15.13 3.46
C ASN A 172 -6.40 13.64 3.16
N GLY A 173 -5.92 12.80 4.06
CA GLY A 173 -6.09 11.38 3.94
C GLY A 173 -5.48 10.75 2.70
N THR A 174 -4.53 11.44 2.08
CA THR A 174 -3.96 11.00 0.82
C THR A 174 -2.45 10.97 0.95
N HIS A 175 -1.86 9.80 0.74
CA HIS A 175 -0.46 9.55 1.11
C HIS A 175 0.31 8.91 -0.03
N THR A 176 1.63 9.07 0.02
CA THR A 176 2.48 8.26 -0.84
C THR A 176 3.82 7.99 -0.16
N GLY A 177 4.58 7.11 -0.79
CA GLY A 177 5.85 6.65 -0.27
C GLY A 177 6.64 5.96 -1.36
N SER A 178 7.73 5.32 -0.94
CA SER A 178 8.69 4.75 -1.86
C SER A 178 8.60 3.24 -1.92
N ALA A 179 8.91 2.70 -3.10
CA ALA A 179 9.34 1.32 -3.17
C ALA A 179 10.78 1.24 -2.72
N PHE A 180 11.26 0.00 -2.51
CA PHE A 180 12.60 -0.14 -1.95
C PHE A 180 13.70 -0.06 -3.00
N ASP A 181 13.36 0.22 -4.26
CA ASP A 181 14.35 0.73 -5.20
C ASP A 181 14.54 2.23 -5.05
N GLY A 182 13.78 2.87 -4.16
CA GLY A 182 13.90 4.31 -3.97
C GLY A 182 12.99 5.15 -4.82
N THR A 183 12.18 4.54 -5.68
CA THR A 183 11.24 5.30 -6.50
C THR A 183 9.98 5.61 -5.72
N MET A 184 9.53 6.86 -5.82
CA MET A 184 8.32 7.27 -5.16
C MET A 184 7.13 6.82 -5.99
N TYR A 185 6.13 6.20 -5.34
CA TYR A 185 4.90 5.87 -6.05
C TYR A 185 4.31 7.16 -6.59
N GLY A 186 3.96 7.17 -7.86
CA GLY A 186 3.41 8.34 -8.51
C GLY A 186 4.43 9.37 -8.90
N ALA A 187 5.71 9.11 -8.65
CA ALA A 187 6.81 9.99 -9.02
C ALA A 187 6.75 11.35 -8.32
N PHE A 188 6.03 11.43 -7.19
CA PHE A 188 6.02 12.65 -6.42
C PHE A 188 7.41 12.93 -5.83
N MET A 189 7.70 14.20 -5.63
CA MET A 189 8.98 14.64 -5.11
C MET A 189 8.90 14.77 -3.59
N ASP A 190 9.92 14.27 -2.89
CA ASP A 190 10.07 14.51 -1.46
C ASP A 190 10.59 15.93 -1.21
N LYS A 191 9.75 16.89 -1.57
CA LYS A 191 9.98 18.30 -1.27
C LYS A 191 8.63 18.92 -0.93
N GLN A 192 8.65 19.90 -0.03
CA GLN A 192 7.41 20.41 0.57
C GLN A 192 6.88 21.52 -0.34
N VAL A 193 6.26 21.08 -1.43
CA VAL A 193 5.64 21.97 -2.42
C VAL A 193 4.40 21.23 -2.90
N HIS A 194 3.31 21.95 -3.11
CA HIS A 194 2.08 21.29 -3.55
C HIS A 194 2.31 20.62 -4.90
N GLN A 195 1.77 19.40 -5.03
CA GLN A 195 1.96 18.59 -6.24
C GLN A 195 0.62 18.00 -6.63
N VAL A 196 0.14 18.36 -7.81
CA VAL A 196 -1.18 17.90 -8.24
CA VAL A 196 -1.18 17.90 -8.25
C VAL A 196 -1.18 16.37 -8.38
N GLN A 197 -2.32 15.76 -8.09
CA GLN A 197 -2.52 14.34 -8.27
C GLN A 197 -3.55 14.15 -9.37
N LEU A 198 -3.45 13.02 -10.05
CA LEU A 198 -4.49 12.63 -10.98
C LEU A 198 -5.77 12.31 -10.20
N THR A 199 -6.90 12.30 -10.89
CA THR A 199 -8.14 11.92 -10.24
C THR A 199 -8.13 10.43 -9.92
N ASP A 200 -8.72 10.08 -8.79
CA ASP A 200 -8.88 8.67 -8.41
C ASP A 200 -9.94 8.02 -9.29
N LYS A 201 -9.86 6.69 -9.37
CA LYS A 201 -10.82 5.92 -10.15
C LYS A 201 -11.17 4.66 -9.37
N TYR A 202 -12.31 4.08 -9.70
CA TYR A 202 -12.68 2.78 -9.15
C TYR A 202 -11.84 1.69 -9.77
N CYS A 203 -11.34 0.77 -8.94
CA CYS A 203 -10.57 -0.39 -9.42
C CYS A 203 -11.57 -1.47 -9.83
N SER A 204 -11.82 -1.57 -11.14
CA SER A 204 -12.91 -2.39 -11.65
CA SER A 204 -12.91 -2.39 -11.65
C SER A 204 -12.72 -3.87 -11.29
N VAL A 205 -11.49 -4.37 -11.35
CA VAL A 205 -11.29 -5.80 -11.06
C VAL A 205 -11.60 -6.11 -9.60
N ASN A 206 -11.32 -5.17 -8.68
CA ASN A 206 -11.66 -5.41 -7.28
C ASN A 206 -13.15 -5.27 -7.06
N VAL A 207 -13.82 -4.38 -7.82
CA VAL A 207 -15.28 -4.34 -7.71
C VAL A 207 -15.89 -5.69 -8.13
N VAL A 208 -15.34 -6.29 -9.18
CA VAL A 208 -15.83 -7.60 -9.62
C VAL A 208 -15.61 -8.64 -8.55
N ALA A 209 -14.44 -8.63 -7.91
CA ALA A 209 -14.16 -9.60 -6.85
C ALA A 209 -15.15 -9.44 -5.70
N TRP A 210 -15.47 -8.19 -5.35
CA TRP A 210 -16.40 -7.92 -4.26
C TRP A 210 -17.81 -8.35 -4.60
N LEU A 211 -18.24 -8.16 -5.85
CA LEU A 211 -19.54 -8.68 -6.27
C LEU A 211 -19.59 -10.20 -6.20
N TYR A 212 -18.48 -10.87 -6.54
CA TYR A 212 -18.40 -12.32 -6.36
C TYR A 212 -18.47 -12.68 -4.87
N ALA A 213 -17.77 -11.92 -4.03
CA ALA A 213 -17.86 -12.15 -2.59
C ALA A 213 -19.30 -12.04 -2.13
N ALA A 214 -20.06 -11.10 -2.71
CA ALA A 214 -21.47 -10.96 -2.34
C ALA A 214 -22.27 -12.22 -2.71
N ILE A 215 -22.09 -12.70 -3.94
CA ILE A 215 -22.77 -13.91 -4.39
C ILE A 215 -22.45 -15.08 -3.46
N LEU A 216 -21.20 -15.17 -3.01
CA LEU A 216 -20.79 -16.26 -2.14
C LEU A 216 -21.37 -16.14 -0.74
N ASN A 217 -21.78 -14.93 -0.32
CA ASN A 217 -22.44 -14.73 0.96
C ASN A 217 -23.95 -14.61 0.83
N GLY A 218 -24.51 -15.07 -0.28
CA GLY A 218 -25.96 -15.13 -0.44
C GLY A 218 -26.62 -13.91 -1.04
N CYS A 219 -25.86 -13.01 -1.65
CA CYS A 219 -26.40 -11.74 -2.15
C CYS A 219 -26.14 -11.66 -3.64
N ALA A 220 -27.20 -11.83 -4.44
CA ALA A 220 -27.05 -11.85 -5.90
C ALA A 220 -28.18 -11.14 -6.62
N TRP A 221 -28.85 -10.19 -5.94
CA TRP A 221 -29.99 -9.51 -6.57
C TRP A 221 -29.57 -8.71 -7.80
N PHE A 222 -28.29 -8.42 -7.94
CA PHE A 222 -27.76 -7.62 -9.05
C PHE A 222 -27.36 -8.46 -10.24
N VAL A 223 -27.44 -9.79 -10.14
CA VAL A 223 -27.05 -10.67 -11.24
C VAL A 223 -28.24 -10.86 -12.17
N LYS A 224 -28.06 -10.51 -13.44
CA LYS A 224 -29.05 -10.70 -14.48
C LYS A 224 -28.38 -11.40 -15.65
N PRO A 225 -29.16 -11.93 -16.60
CA PRO A 225 -28.55 -12.59 -17.76
C PRO A 225 -27.72 -11.65 -18.61
N ASN A 226 -28.00 -10.34 -18.55
CA ASN A 226 -27.32 -9.39 -19.42
C ASN A 226 -25.83 -9.43 -19.20
N ARG A 227 -25.08 -9.23 -20.28
CA ARG A 227 -23.63 -9.27 -20.25
CA ARG A 227 -23.63 -9.27 -20.23
C ARG A 227 -23.07 -8.07 -20.98
N THR A 228 -21.88 -7.64 -20.55
CA THR A 228 -21.12 -6.61 -21.23
C THR A 228 -19.73 -7.18 -21.42
N SER A 229 -19.22 -7.13 -22.66
CA SER A 229 -17.90 -7.67 -22.94
C SER A 229 -16.82 -6.82 -22.27
N VAL A 230 -15.67 -7.46 -22.02
CA VAL A 230 -14.55 -6.73 -21.43
C VAL A 230 -14.16 -5.54 -22.30
N VAL A 231 -14.11 -5.74 -23.61
CA VAL A 231 -13.72 -4.66 -24.52
C VAL A 231 -14.71 -3.51 -24.41
N SER A 232 -16.01 -3.82 -24.47
CA SER A 232 -17.02 -2.77 -24.37
CA SER A 232 -17.02 -2.77 -24.37
C SER A 232 -16.97 -2.10 -23.00
N PHE A 233 -16.83 -2.88 -21.94
CA PHE A 233 -16.77 -2.29 -20.60
C PHE A 233 -15.58 -1.34 -20.49
N ASN A 234 -14.46 -1.69 -21.11
CA ASN A 234 -13.24 -0.90 -20.92
C ASN A 234 -13.34 0.46 -21.60
N GLU A 235 -13.99 0.55 -22.76
CA GLU A 235 -14.28 1.86 -23.34
C GLU A 235 -15.21 2.66 -22.43
N TRP A 236 -16.21 1.99 -21.86
CA TRP A 236 -17.10 2.68 -20.93
C TRP A 236 -16.36 3.14 -19.68
N ALA A 237 -15.42 2.32 -19.19
CA ALA A 237 -14.74 2.65 -17.94
C ALA A 237 -13.94 3.94 -18.07
N LEU A 238 -13.28 4.11 -19.21
CA LEU A 238 -12.46 5.30 -19.42
C LEU A 238 -13.31 6.57 -19.44
N ALA A 239 -14.60 6.46 -19.74
CA ALA A 239 -15.49 7.59 -19.77
C ALA A 239 -16.19 7.84 -18.43
N ASN A 240 -15.99 6.97 -17.44
CA ASN A 240 -16.79 7.03 -16.21
C ASN A 240 -15.95 6.82 -14.96
N GLN A 241 -14.65 7.06 -15.02
CA GLN A 241 -13.77 7.04 -13.86
C GLN A 241 -13.65 5.64 -13.25
N PHE A 242 -13.60 4.63 -14.12
CA PHE A 242 -13.27 3.27 -13.73
C PHE A 242 -12.00 2.85 -14.44
N THR A 243 -11.21 1.98 -13.78
CA THR A 243 -10.04 1.44 -14.44
C THR A 243 -10.48 0.41 -15.49
N GLU A 244 -9.61 0.16 -16.46
CA GLU A 244 -9.87 -0.89 -17.43
C GLU A 244 -9.71 -2.26 -16.76
N PHE A 245 -10.61 -3.18 -17.11
CA PHE A 245 -10.65 -4.48 -16.48
C PHE A 245 -9.64 -5.42 -17.14
N VAL A 246 -8.84 -6.08 -16.30
CA VAL A 246 -7.91 -7.12 -16.72
C VAL A 246 -8.22 -8.37 -15.90
N GLY A 247 -8.64 -9.42 -16.60
CA GLY A 247 -8.95 -10.68 -15.93
C GLY A 247 -7.70 -11.40 -15.46
N THR A 248 -7.88 -12.25 -14.45
CA THR A 248 -6.79 -13.03 -13.89
C THR A 248 -7.32 -14.41 -13.52
N GLN A 249 -6.41 -15.34 -13.27
CA GLN A 249 -6.81 -16.66 -12.83
C GLN A 249 -7.62 -16.59 -11.55
N SER A 250 -7.24 -15.69 -10.64
CA SER A 250 -7.96 -15.51 -9.39
C SER A 250 -9.42 -15.15 -9.64
N VAL A 251 -9.67 -14.24 -10.57
CA VAL A 251 -11.06 -13.91 -10.92
C VAL A 251 -11.75 -15.11 -11.54
N ASP A 252 -11.04 -15.84 -12.40
CA ASP A 252 -11.66 -16.98 -13.08
C ASP A 252 -12.13 -18.02 -12.09
N MET A 253 -11.38 -18.23 -10.99
CA MET A 253 -11.81 -19.20 -9.99
C MET A 253 -13.13 -18.78 -9.35
N LEU A 254 -13.32 -17.47 -9.16
CA LEU A 254 -14.58 -17.01 -8.57
C LEU A 254 -15.75 -17.19 -9.54
N ALA A 255 -15.52 -16.92 -10.83
CA ALA A 255 -16.53 -17.14 -11.83
C ALA A 255 -16.91 -18.61 -11.90
N VAL A 256 -15.94 -19.50 -11.74
CA VAL A 256 -16.24 -20.93 -11.80
C VAL A 256 -17.01 -21.36 -10.56
N LYS A 257 -16.55 -20.95 -9.37
CA LYS A 257 -17.23 -21.37 -8.15
C LYS A 257 -18.66 -20.89 -8.11
N THR A 258 -18.93 -19.67 -8.58
CA THR A 258 -20.27 -19.11 -8.51
C THR A 258 -21.11 -19.40 -9.74
N GLY A 259 -20.50 -19.74 -10.87
CA GLY A 259 -21.25 -19.92 -12.09
C GLY A 259 -21.74 -18.64 -12.72
N VAL A 260 -21.27 -17.49 -12.25
CA VAL A 260 -21.64 -16.19 -12.80
C VAL A 260 -20.47 -15.66 -13.60
N ALA A 261 -20.74 -15.28 -14.84
CA ALA A 261 -19.67 -14.84 -15.75
C ALA A 261 -19.21 -13.43 -15.42
N ILE A 262 -17.90 -13.20 -15.61
CA ILE A 262 -17.35 -11.86 -15.46
C ILE A 262 -18.19 -10.82 -16.19
N GLU A 263 -18.62 -11.17 -17.41
CA GLU A 263 -19.35 -10.20 -18.24
C GLU A 263 -20.71 -9.85 -17.63
N GLN A 264 -21.28 -10.74 -16.82
CA GLN A 264 -22.53 -10.38 -16.16
C GLN A 264 -22.29 -9.32 -15.09
N LEU A 265 -21.16 -9.39 -14.40
CA LEU A 265 -20.85 -8.43 -13.34
C LEU A 265 -20.38 -7.10 -13.91
N LEU A 266 -19.74 -7.13 -15.09
CA LEU A 266 -19.42 -5.88 -15.77
C LEU A 266 -20.69 -5.13 -16.15
N TYR A 267 -21.70 -5.85 -16.64
CA TYR A 267 -22.99 -5.22 -16.89
C TYR A 267 -23.56 -4.64 -15.60
N ALA A 268 -23.53 -5.43 -14.52
CA ALA A 268 -24.06 -4.97 -13.24
C ALA A 268 -23.39 -3.67 -12.80
N ILE A 269 -22.07 -3.58 -12.92
CA ILE A 269 -21.38 -2.35 -12.54
C ILE A 269 -21.94 -1.15 -13.28
N GLN A 270 -22.22 -1.32 -14.57
CA GLN A 270 -22.75 -0.22 -15.38
C GLN A 270 -24.13 0.22 -14.91
N GLN A 271 -24.87 -0.64 -14.25
CA GLN A 271 -26.16 -0.26 -13.67
C GLN A 271 -26.03 0.28 -12.26
N LEU A 272 -25.09 -0.23 -11.48
CA LEU A 272 -24.96 0.12 -10.08
C LEU A 272 -24.13 1.36 -9.83
N TYR A 273 -23.35 1.81 -10.82
CA TYR A 273 -22.40 2.89 -10.56
C TYR A 273 -23.10 4.22 -10.28
N THR A 274 -24.39 4.34 -10.59
CA THR A 274 -25.15 5.54 -10.30
C THR A 274 -25.91 5.47 -8.98
N GLY A 275 -25.84 4.35 -8.28
CA GLY A 275 -26.54 4.18 -7.02
C GLY A 275 -27.33 2.89 -7.03
N PHE A 276 -27.45 2.27 -5.86
CA PHE A 276 -28.19 1.03 -5.73
C PHE A 276 -29.68 1.26 -5.51
N GLN A 277 -30.10 2.50 -5.29
CA GLN A 277 -31.51 2.86 -5.15
C GLN A 277 -32.13 2.17 -3.94
N GLY A 278 -31.55 2.46 -2.78
CA GLY A 278 -32.04 1.93 -1.53
C GLY A 278 -31.61 0.52 -1.21
N LYS A 279 -31.15 -0.24 -2.19
CA LYS A 279 -30.70 -1.60 -1.98
C LYS A 279 -29.28 -1.59 -1.40
N GLN A 280 -28.82 -2.77 -0.98
CA GLN A 280 -27.51 -2.90 -0.34
CA GLN A 280 -27.51 -2.89 -0.36
C GLN A 280 -26.82 -4.16 -0.85
N ILE A 281 -25.48 -4.10 -0.88
CA ILE A 281 -24.64 -5.24 -1.21
C ILE A 281 -23.59 -5.37 -0.12
N LEU A 282 -23.61 -6.48 0.62
CA LEU A 282 -22.67 -6.68 1.73
C LEU A 282 -22.64 -5.46 2.65
N GLY A 283 -23.82 -4.92 2.93
CA GLY A 283 -23.94 -3.83 3.88
C GLY A 283 -23.49 -2.49 3.38
N SER A 284 -23.33 -2.32 2.07
CA SER A 284 -22.86 -1.08 1.48
CA SER A 284 -22.85 -1.07 1.49
C SER A 284 -23.83 -0.62 0.41
N THR A 285 -23.95 0.70 0.26
CA THR A 285 -24.78 1.28 -0.79
C THR A 285 -23.94 1.84 -1.95
N MET A 286 -22.66 1.49 -2.00
CA MET A 286 -21.81 1.91 -3.11
CA MET A 286 -21.77 1.93 -3.07
C MET A 286 -20.87 0.75 -3.45
N LEU A 287 -20.35 0.80 -4.67
CA LEU A 287 -19.40 -0.21 -5.10
C LEU A 287 -18.14 -0.10 -4.25
N GLU A 288 -17.60 -1.24 -3.85
CA GLU A 288 -16.40 -1.31 -3.03
C GLU A 288 -15.27 -1.88 -3.86
N ASP A 289 -14.11 -1.23 -3.82
CA ASP A 289 -12.99 -1.66 -4.65
C ASP A 289 -11.71 -1.89 -3.85
N GLU A 290 -11.82 -2.16 -2.55
CA GLU A 290 -10.65 -2.39 -1.71
C GLU A 290 -10.39 -3.86 -1.42
N PHE A 291 -11.18 -4.75 -2.00
CA PHE A 291 -11.01 -6.20 -1.84
C PHE A 291 -10.57 -6.79 -3.18
N THR A 292 -9.38 -7.37 -3.19
CA THR A 292 -8.84 -7.94 -4.41
C THR A 292 -9.39 -9.34 -4.65
N PRO A 293 -9.28 -9.85 -5.87
CA PRO A 293 -9.66 -11.25 -6.12
C PRO A 293 -8.94 -12.23 -5.21
N GLU A 294 -7.66 -11.99 -4.93
CA GLU A 294 -6.90 -12.88 -4.08
C GLU A 294 -7.41 -12.82 -2.64
N ASP A 295 -7.71 -11.62 -2.15
CA ASP A 295 -8.26 -11.46 -0.80
C ASP A 295 -9.58 -12.21 -0.67
N VAL A 296 -10.43 -12.13 -1.69
CA VAL A 296 -11.72 -12.81 -1.65
C VAL A 296 -11.53 -14.31 -1.64
N ASN A 297 -10.69 -14.82 -2.54
CA ASN A 297 -10.42 -16.26 -2.57
C ASN A 297 -9.90 -16.74 -1.22
N MET A 298 -9.01 -15.95 -0.60
CA MET A 298 -8.42 -16.38 0.67
C MET A 298 -9.47 -16.38 1.79
N GLN A 299 -10.20 -15.28 1.95
CA GLN A 299 -11.07 -15.16 3.12
C GLN A 299 -12.25 -16.11 3.05
N ILE A 300 -12.80 -16.33 1.86
CA ILE A 300 -14.06 -17.04 1.72
C ILE A 300 -13.83 -18.53 1.48
N MET A 301 -12.77 -18.88 0.75
CA MET A 301 -12.56 -20.24 0.31
C MET A 301 -11.27 -20.83 0.85
N GLY A 302 -10.53 -20.08 1.66
CA GLY A 302 -9.26 -20.53 2.19
C GLY A 302 -8.17 -20.73 1.17
N VAL A 303 -8.44 -20.46 -0.11
CA VAL A 303 -7.54 -20.82 -1.19
C VAL A 303 -6.55 -19.70 -1.46
N VAL A 304 -5.29 -20.07 -1.67
CA VAL A 304 -4.22 -19.11 -1.94
C VAL A 304 -3.76 -19.26 -3.39
#